data_2C81
#
_entry.id   2C81
#
_cell.length_a   73.750
_cell.length_b   73.750
_cell.length_c   162.360
_cell.angle_alpha   90.00
_cell.angle_beta   90.00
_cell.angle_gamma   120.00
#
_symmetry.space_group_name_H-M   'P 32 2 1'
#
loop_
_entity.id
_entity.type
_entity.pdbx_description
1 polymer 'GLUTAMINE-2-DEOXY-SCYLLO-INOSOSE AMINOTRANSFERASE'
2 non-polymer "4'-DEOXY-4'-AMINOPYRIDOXAL-5'-PHOSPHATE"
3 water water
#
_entity_poly.entity_id   1
_entity_poly.type   'polypeptide(L)'
_entity_poly.pdbx_seq_one_letter_code
;MTIPFDHWPEWPQHSDRTRRKIEEVFQSNRWAISGYWTGEESMERKFAKAFADFNGVPYCVPTTSGSTALMLALEALGIG
EGDEVIVPSLTWIATATAVLNVNALPVFVDVEADTYCIDPQLIKSAITDKTKAIIPVHLFGSMANMDEINEIAQEHNLFV
IEDCAQSHGSVWNNQRAGTIGDIGAFSCQQGKVLTAGEGGIIVTKNPRLFELIQQLRADSRVYCDDSSELMHGDMQLVKK
GDIQGSNYCLSEFQSAILLDQLQELDDKNAIREKNAMFLNDALSKIDGIKVMKRPPQVSRQTYYGYVFRFDPVKFGGLNA
DQFCEILREKLNMGTFYLHPPYLPVHKNPLFCPWTKNRYLKSVRKTEAYWRGLHYPVSERASGQSIVIHHAILLAEPSHL
SLLVDAVAELARKFCVTH
;
_entity_poly.pdbx_strand_id   A
#
# COMPACT_ATOMS: atom_id res chain seq x y z
N TRP A 8 10.95 22.79 -2.36
CA TRP A 8 10.13 21.77 -1.65
C TRP A 8 10.92 20.48 -1.44
N PRO A 9 10.60 19.72 -0.37
CA PRO A 9 11.32 18.47 -0.12
C PRO A 9 11.06 17.55 -1.30
N GLU A 10 12.07 16.78 -1.70
CA GLU A 10 11.92 15.87 -2.80
C GLU A 10 11.97 14.45 -2.26
N TRP A 11 11.69 13.48 -3.12
CA TRP A 11 11.67 12.08 -2.69
C TRP A 11 12.20 11.24 -3.85
N PRO A 12 12.95 10.16 -3.56
CA PRO A 12 13.38 9.64 -2.27
C PRO A 12 14.42 10.48 -1.52
N GLN A 13 14.80 10.00 -0.34
CA GLN A 13 15.79 10.69 0.49
C GLN A 13 16.78 9.66 1.02
N HIS A 14 18.06 10.02 1.01
CA HIS A 14 19.09 9.12 1.51
C HIS A 14 20.15 9.90 2.28
N SER A 15 21.07 9.17 2.89
CA SER A 15 22.15 9.78 3.65
C SER A 15 23.35 8.84 3.59
N ASP A 16 24.41 9.20 4.31
CA ASP A 16 25.59 8.36 4.34
C ASP A 16 25.29 7.04 5.01
N ARG A 17 24.20 7.00 5.78
CA ARG A 17 23.80 5.77 6.46
C ARG A 17 23.34 4.79 5.39
N THR A 18 22.68 5.32 4.36
CA THR A 18 22.19 4.50 3.26
C THR A 18 23.38 3.91 2.51
N ARG A 19 24.40 4.75 2.29
CA ARG A 19 25.60 4.32 1.59
C ARG A 19 26.32 3.26 2.41
N ARG A 20 26.33 3.45 3.72
CA ARG A 20 26.99 2.53 4.64
C ARG A 20 26.38 1.13 4.55
N LYS A 21 25.06 1.06 4.50
CA LYS A 21 24.36 -0.23 4.40
C LYS A 21 24.73 -0.93 3.09
N ILE A 22 24.81 -0.17 2.02
CA ILE A 22 25.18 -0.73 0.71
C ILE A 22 26.60 -1.27 0.79
N GLU A 23 27.50 -0.51 1.39
CA GLU A 23 28.88 -0.96 1.51
C GLU A 23 28.96 -2.26 2.29
N GLU A 24 28.07 -2.41 3.27
CA GLU A 24 28.03 -3.63 4.08
C GLU A 24 27.70 -4.84 3.20
N VAL A 25 26.82 -4.65 2.22
CA VAL A 25 26.47 -5.75 1.34
C VAL A 25 27.69 -6.14 0.52
N PHE A 26 28.39 -5.14 0.00
CA PHE A 26 29.60 -5.42 -0.80
C PHE A 26 30.64 -6.14 0.04
N GLN A 27 30.77 -5.76 1.31
CA GLN A 27 31.74 -6.40 2.19
C GLN A 27 31.40 -7.86 2.51
N SER A 28 30.11 -8.16 2.60
CA SER A 28 29.66 -9.53 2.88
C SER A 28 29.77 -10.41 1.66
N ASN A 29 29.80 -9.77 0.49
CA ASN A 29 29.86 -10.43 -0.80
C ASN A 29 28.70 -11.41 -1.01
N ARG A 30 27.60 -11.15 -0.32
CA ARG A 30 26.39 -11.95 -0.47
C ARG A 30 25.34 -10.95 -0.95
N TRP A 31 24.94 -11.09 -2.21
CA TRP A 31 23.99 -10.17 -2.83
C TRP A 31 22.55 -10.69 -2.92
N ALA A 32 22.35 -11.97 -2.64
CA ALA A 32 21.02 -12.56 -2.70
C ALA A 32 20.81 -13.52 -1.51
N ILE A 33 19.56 -13.72 -1.12
CA ILE A 33 19.29 -14.61 0.01
C ILE A 33 19.52 -16.06 -0.42
N SER A 34 19.53 -16.30 -1.73
CA SER A 34 19.78 -17.64 -2.27
C SER A 34 21.29 -17.84 -2.42
N GLY A 35 22.05 -16.82 -2.04
CA GLY A 35 23.50 -16.93 -2.08
C GLY A 35 23.86 -17.64 -0.79
N TYR A 36 25.09 -18.10 -0.65
CA TYR A 36 25.44 -18.82 0.56
C TYR A 36 25.85 -17.89 1.71
N TRP A 37 25.82 -18.46 2.91
CA TRP A 37 26.18 -17.77 4.14
C TRP A 37 27.63 -17.32 4.09
N THR A 38 27.88 -16.05 4.39
CA THR A 38 29.25 -15.53 4.38
C THR A 38 29.74 -15.10 5.76
N GLY A 39 29.11 -15.65 6.81
CA GLY A 39 29.54 -15.33 8.16
C GLY A 39 28.52 -14.70 9.09
N GLU A 40 27.75 -13.74 8.58
CA GLU A 40 26.76 -13.05 9.39
C GLU A 40 25.38 -13.08 8.76
N GLU A 41 24.38 -12.69 9.52
CA GLU A 41 23.00 -12.70 9.03
C GLU A 41 22.81 -11.87 7.78
N SER A 42 21.88 -12.30 6.94
CA SER A 42 21.55 -11.62 5.70
C SER A 42 20.84 -10.30 5.98
N MET A 43 20.90 -9.37 5.04
CA MET A 43 20.20 -8.10 5.20
C MET A 43 18.71 -8.37 5.19
N GLU A 44 18.29 -9.39 4.44
CA GLU A 44 16.87 -9.72 4.37
C GLU A 44 16.30 -10.05 5.74
N ARG A 45 16.98 -10.94 6.47
CA ARG A 45 16.51 -11.33 7.79
C ARG A 45 16.65 -10.22 8.81
N LYS A 46 17.68 -9.39 8.68
CA LYS A 46 17.84 -8.27 9.61
C LYS A 46 16.69 -7.28 9.41
N PHE A 47 16.33 -7.05 8.16
CA PHE A 47 15.22 -6.14 7.88
C PHE A 47 13.90 -6.76 8.32
N ALA A 48 13.73 -8.05 8.05
CA ALA A 48 12.50 -8.75 8.42
C ALA A 48 12.25 -8.65 9.92
N LYS A 49 13.30 -8.88 10.70
CA LYS A 49 13.20 -8.83 12.15
C LYS A 49 12.85 -7.41 12.62
N ALA A 50 13.51 -6.42 12.02
CA ALA A 50 13.27 -5.03 12.37
C ALA A 50 11.86 -4.58 12.01
N PHE A 51 11.39 -4.97 10.83
CA PHE A 51 10.05 -4.57 10.43
C PHE A 51 8.98 -5.30 11.25
N ALA A 52 9.27 -6.54 11.63
CA ALA A 52 8.30 -7.28 12.43
C ALA A 52 8.13 -6.57 13.77
N ASP A 53 9.24 -6.12 14.35
CA ASP A 53 9.18 -5.40 15.63
C ASP A 53 8.41 -4.10 15.43
N PHE A 54 8.71 -3.39 14.34
CA PHE A 54 8.05 -2.14 14.05
C PHE A 54 6.52 -2.32 13.96
N ASN A 55 6.09 -3.37 13.26
CA ASN A 55 4.66 -3.63 13.07
C ASN A 55 4.00 -4.42 14.21
N GLY A 56 4.82 -4.85 15.18
CA GLY A 56 4.28 -5.63 16.28
C GLY A 56 3.62 -6.87 15.75
N VAL A 57 4.20 -7.45 14.71
CA VAL A 57 3.68 -8.66 14.08
C VAL A 57 4.68 -9.80 14.21
N PRO A 58 4.20 -11.02 14.46
CA PRO A 58 5.09 -12.19 14.61
C PRO A 58 6.02 -12.53 13.45
N TYR A 59 5.50 -12.45 12.23
CA TYR A 59 6.28 -12.84 11.06
C TYR A 59 6.31 -11.84 9.92
N CYS A 60 7.48 -11.74 9.29
CA CYS A 60 7.69 -10.85 8.16
C CYS A 60 8.58 -11.50 7.10
N VAL A 61 8.12 -11.43 5.85
CA VAL A 61 8.88 -11.98 4.73
C VAL A 61 8.95 -10.93 3.63
N PRO A 62 10.16 -10.37 3.40
CA PRO A 62 10.32 -9.36 2.35
C PRO A 62 10.19 -10.03 0.99
N THR A 63 9.76 -9.27 -0.01
CA THR A 63 9.63 -9.81 -1.35
C THR A 63 9.95 -8.72 -2.37
N THR A 64 9.67 -8.98 -3.64
CA THR A 64 10.02 -8.07 -4.72
C THR A 64 9.20 -6.80 -5.00
N SER A 65 7.92 -6.82 -4.69
CA SER A 65 7.07 -5.66 -4.92
C SER A 65 5.77 -5.82 -4.15
N GLY A 66 5.02 -4.72 -4.05
CA GLY A 66 3.74 -4.75 -3.35
C GLY A 66 2.76 -5.61 -4.13
N SER A 67 2.86 -5.56 -5.46
CA SER A 67 1.98 -6.33 -6.33
C SER A 67 2.21 -7.82 -6.09
N THR A 68 3.47 -8.22 -6.01
CA THR A 68 3.79 -9.62 -5.79
C THR A 68 3.43 -10.01 -4.36
N ALA A 69 3.58 -9.06 -3.43
CA ALA A 69 3.25 -9.32 -2.03
C ALA A 69 1.77 -9.71 -1.93
N LEU A 70 0.92 -8.96 -2.64
CA LEU A 70 -0.52 -9.24 -2.64
C LEU A 70 -0.80 -10.60 -3.27
N MET A 71 -0.16 -10.87 -4.39
CA MET A 71 -0.35 -12.14 -5.09
C MET A 71 0.01 -13.34 -4.20
N LEU A 72 1.18 -13.27 -3.56
CA LEU A 72 1.62 -14.38 -2.70
C LEU A 72 0.71 -14.54 -1.49
N ALA A 73 0.17 -13.44 -0.99
CA ALA A 73 -0.74 -13.49 0.14
C ALA A 73 -1.95 -14.34 -0.27
N LEU A 74 -2.44 -14.07 -1.47
CA LEU A 74 -3.60 -14.79 -1.98
C LEU A 74 -3.26 -16.27 -2.17
N GLU A 75 -2.08 -16.56 -2.73
CA GLU A 75 -1.68 -17.93 -2.94
C GLU A 75 -1.56 -18.70 -1.63
N ALA A 76 -1.03 -18.04 -0.61
CA ALA A 76 -0.84 -18.67 0.70
C ALA A 76 -2.17 -19.03 1.36
N LEU A 77 -3.22 -18.28 1.05
CA LEU A 77 -4.54 -18.54 1.61
C LEU A 77 -5.32 -19.58 0.82
N GLY A 78 -4.70 -20.12 -0.23
CA GLY A 78 -5.33 -21.14 -1.03
C GLY A 78 -6.33 -20.66 -2.06
N ILE A 79 -6.28 -19.38 -2.41
CA ILE A 79 -7.19 -18.81 -3.38
C ILE A 79 -6.78 -19.19 -4.80
N GLY A 80 -7.76 -19.47 -5.65
CA GLY A 80 -7.48 -19.85 -7.03
C GLY A 80 -8.72 -19.86 -7.88
N GLU A 81 -8.71 -20.63 -8.96
CA GLU A 81 -9.85 -20.70 -9.87
C GLU A 81 -11.18 -20.98 -9.17
N GLY A 82 -12.21 -20.25 -9.58
CA GLY A 82 -13.52 -20.43 -8.99
C GLY A 82 -13.81 -19.53 -7.80
N ASP A 83 -12.79 -18.81 -7.33
CA ASP A 83 -12.95 -17.92 -6.18
C ASP A 83 -13.15 -16.46 -6.56
N GLU A 84 -13.78 -15.73 -5.64
CA GLU A 84 -14.02 -14.31 -5.79
C GLU A 84 -13.36 -13.58 -4.62
N VAL A 85 -12.80 -12.41 -4.90
CA VAL A 85 -12.13 -11.61 -3.87
C VAL A 85 -12.68 -10.19 -3.98
N ILE A 86 -13.22 -9.68 -2.88
CA ILE A 86 -13.78 -8.33 -2.84
C ILE A 86 -12.69 -7.28 -2.65
N VAL A 87 -12.69 -6.28 -3.52
CA VAL A 87 -11.70 -5.21 -3.47
C VAL A 87 -12.36 -3.86 -3.73
N PRO A 88 -11.74 -2.76 -3.27
CA PRO A 88 -12.34 -1.44 -3.49
C PRO A 88 -12.14 -0.97 -4.94
N SER A 89 -13.08 -0.19 -5.45
CA SER A 89 -12.98 0.31 -6.80
C SER A 89 -11.90 1.40 -6.90
N LEU A 90 -11.70 2.14 -5.81
CA LEU A 90 -10.70 3.20 -5.81
C LEU A 90 -9.41 2.72 -5.16
N THR A 91 -8.41 2.45 -5.99
CA THR A 91 -7.10 1.98 -5.54
C THR A 91 -6.23 1.79 -6.78
N TRP A 92 -4.96 1.47 -6.57
CA TRP A 92 -4.06 1.22 -7.68
C TRP A 92 -4.54 -0.09 -8.31
N ILE A 93 -4.36 -0.25 -9.62
CA ILE A 93 -4.86 -1.46 -10.26
C ILE A 93 -4.30 -2.78 -9.75
N ALA A 94 -3.15 -2.77 -9.11
CA ALA A 94 -2.54 -4.00 -8.60
C ALA A 94 -3.43 -4.75 -7.61
N THR A 95 -4.22 -4.02 -6.84
CA THR A 95 -5.11 -4.65 -5.86
C THR A 95 -6.02 -5.64 -6.57
N ALA A 96 -6.41 -5.31 -7.80
CA ALA A 96 -7.30 -6.18 -8.57
C ALA A 96 -6.55 -7.17 -9.47
N THR A 97 -5.45 -6.73 -10.08
CA THR A 97 -4.72 -7.63 -10.96
C THR A 97 -4.02 -8.76 -10.21
N ALA A 98 -3.72 -8.54 -8.92
CA ALA A 98 -3.09 -9.59 -8.13
C ALA A 98 -4.09 -10.74 -8.01
N VAL A 99 -5.38 -10.39 -7.95
CA VAL A 99 -6.43 -11.40 -7.85
C VAL A 99 -6.53 -12.19 -9.14
N LEU A 100 -6.50 -11.48 -10.28
CA LEU A 100 -6.57 -12.14 -11.58
C LEU A 100 -5.33 -13.02 -11.76
N ASN A 101 -4.20 -12.58 -11.23
CA ASN A 101 -2.97 -13.35 -11.34
C ASN A 101 -3.07 -14.74 -10.71
N VAL A 102 -3.96 -14.92 -9.73
CA VAL A 102 -4.10 -16.24 -9.10
C VAL A 102 -5.33 -16.97 -9.63
N ASN A 103 -5.86 -16.50 -10.74
CA ASN A 103 -7.01 -17.10 -11.40
C ASN A 103 -8.34 -16.89 -10.70
N ALA A 104 -8.40 -15.89 -9.83
CA ALA A 104 -9.63 -15.58 -9.11
C ALA A 104 -10.26 -14.35 -9.73
N LEU A 105 -11.51 -14.06 -9.35
CA LEU A 105 -12.19 -12.90 -9.89
C LEU A 105 -12.31 -11.76 -8.90
N PRO A 106 -11.77 -10.58 -9.24
CA PRO A 106 -11.89 -9.45 -8.32
C PRO A 106 -13.31 -8.89 -8.45
N VAL A 107 -13.94 -8.59 -7.32
CA VAL A 107 -15.29 -8.06 -7.28
C VAL A 107 -15.21 -6.70 -6.59
N PHE A 108 -15.49 -5.65 -7.34
CA PHE A 108 -15.42 -4.30 -6.83
C PHE A 108 -16.58 -3.83 -5.95
N VAL A 109 -16.22 -3.01 -4.97
CA VAL A 109 -17.20 -2.41 -4.05
C VAL A 109 -16.78 -0.96 -3.94
N ASP A 110 -17.76 -0.05 -3.90
CA ASP A 110 -17.46 1.37 -3.81
C ASP A 110 -16.83 1.74 -2.48
N VAL A 111 -16.27 2.94 -2.41
CA VAL A 111 -15.62 3.42 -1.19
C VAL A 111 -16.48 4.45 -0.46
N GLU A 112 -16.05 4.80 0.76
CA GLU A 112 -16.76 5.79 1.57
C GLU A 112 -16.43 7.20 1.08
N ALA A 113 -17.45 8.07 1.06
CA ALA A 113 -17.27 9.43 0.61
C ALA A 113 -16.22 10.23 1.40
N ASP A 114 -16.15 10.01 2.71
CA ASP A 114 -15.20 10.76 3.52
C ASP A 114 -13.88 10.09 3.91
N THR A 115 -13.60 8.91 3.36
CA THR A 115 -12.33 8.24 3.67
C THR A 115 -11.71 7.63 2.42
N TYR A 116 -12.54 7.41 1.39
CA TYR A 116 -12.11 6.81 0.15
C TYR A 116 -11.63 5.37 0.33
N CYS A 117 -12.04 4.75 1.43
CA CYS A 117 -11.68 3.37 1.69
C CYS A 117 -12.94 2.53 1.49
N ILE A 118 -12.78 1.23 1.22
CA ILE A 118 -13.91 0.35 0.97
C ILE A 118 -15.07 0.53 1.97
N ASP A 119 -16.27 0.71 1.43
CA ASP A 119 -17.46 0.92 2.26
C ASP A 119 -17.94 -0.41 2.85
N PRO A 120 -17.78 -0.59 4.17
CA PRO A 120 -18.22 -1.86 4.79
C PRO A 120 -19.68 -2.18 4.52
N GLN A 121 -20.52 -1.15 4.51
CA GLN A 121 -21.96 -1.34 4.30
C GLN A 121 -22.35 -1.74 2.89
N LEU A 122 -21.37 -1.90 2.01
CA LEU A 122 -21.64 -2.31 0.63
C LEU A 122 -20.97 -3.65 0.33
N ILE A 123 -20.18 -4.13 1.28
CA ILE A 123 -19.48 -5.40 1.11
C ILE A 123 -20.42 -6.61 1.14
N LYS A 124 -21.31 -6.66 2.13
CA LYS A 124 -22.24 -7.78 2.26
C LYS A 124 -22.99 -8.06 0.96
N SER A 125 -23.49 -7.01 0.32
CA SER A 125 -24.22 -7.13 -0.93
C SER A 125 -23.41 -7.78 -2.04
N ALA A 126 -22.09 -7.73 -1.94
CA ALA A 126 -21.22 -8.31 -2.96
C ALA A 126 -20.79 -9.73 -2.66
N ILE A 127 -21.06 -10.19 -1.44
CA ILE A 127 -20.68 -11.54 -1.05
C ILE A 127 -21.54 -12.61 -1.72
N THR A 128 -20.88 -13.63 -2.25
CA THR A 128 -21.57 -14.76 -2.89
C THR A 128 -20.93 -16.03 -2.34
N ASP A 129 -21.40 -17.18 -2.81
CA ASP A 129 -20.84 -18.44 -2.33
C ASP A 129 -19.41 -18.64 -2.81
N LYS A 130 -19.00 -17.82 -3.78
CA LYS A 130 -17.64 -17.92 -4.32
C LYS A 130 -16.64 -17.03 -3.58
N THR A 131 -17.14 -16.08 -2.80
CA THR A 131 -16.28 -15.16 -2.07
C THR A 131 -15.38 -15.87 -1.05
N LYS A 132 -14.08 -15.59 -1.10
CA LYS A 132 -13.15 -16.21 -0.17
C LYS A 132 -12.35 -15.21 0.64
N ALA A 133 -12.29 -13.96 0.18
CA ALA A 133 -11.52 -12.94 0.90
C ALA A 133 -11.89 -11.51 0.51
N ILE A 134 -11.44 -10.57 1.32
CA ILE A 134 -11.66 -9.14 1.12
C ILE A 134 -10.28 -8.50 1.19
N ILE A 135 -9.99 -7.56 0.30
CA ILE A 135 -8.71 -6.87 0.33
C ILE A 135 -8.93 -5.38 0.59
N PRO A 136 -9.07 -4.99 1.87
CA PRO A 136 -9.28 -3.58 2.17
C PRO A 136 -7.97 -2.84 1.91
N VAL A 137 -8.08 -1.61 1.42
CA VAL A 137 -6.90 -0.80 1.14
C VAL A 137 -6.94 0.44 2.04
N HIS A 138 -5.82 0.72 2.71
CA HIS A 138 -5.73 1.90 3.54
C HIS A 138 -5.19 2.97 2.58
N LEU A 139 -6.11 3.55 1.83
CA LEU A 139 -5.79 4.53 0.79
C LEU A 139 -5.31 5.92 1.23
N PHE A 140 -4.22 6.36 0.59
CA PHE A 140 -3.62 7.67 0.81
C PHE A 140 -3.26 8.04 2.23
N GLY A 141 -4.23 8.59 2.97
CA GLY A 141 -3.99 8.99 4.35
C GLY A 141 -5.14 8.60 5.24
N SER A 142 -5.74 7.45 4.95
CA SER A 142 -6.87 6.95 5.72
C SER A 142 -6.79 5.43 5.89
N MET A 143 -7.53 4.91 6.87
CA MET A 143 -7.55 3.47 7.10
C MET A 143 -8.96 2.95 6.88
N ALA A 144 -9.05 1.74 6.34
CA ALA A 144 -10.34 1.10 6.11
C ALA A 144 -10.86 0.75 7.50
N ASN A 145 -12.17 0.71 7.67
CA ASN A 145 -12.73 0.38 8.98
C ASN A 145 -12.54 -1.09 9.29
N MET A 146 -11.42 -1.42 9.91
CA MET A 146 -11.11 -2.81 10.23
C MET A 146 -12.06 -3.44 11.25
N ASP A 147 -12.73 -2.61 12.05
CA ASP A 147 -13.68 -3.15 13.03
C ASP A 147 -14.82 -3.81 12.25
N GLU A 148 -15.44 -3.02 11.37
CA GLU A 148 -16.55 -3.47 10.55
C GLU A 148 -16.15 -4.59 9.60
N ILE A 149 -15.01 -4.43 8.94
CA ILE A 149 -14.54 -5.43 7.99
C ILE A 149 -14.25 -6.78 8.64
N ASN A 150 -13.60 -6.79 9.80
CA ASN A 150 -13.29 -8.05 10.46
C ASN A 150 -14.57 -8.72 10.96
N GLU A 151 -15.57 -7.91 11.31
CA GLU A 151 -16.84 -8.46 11.79
C GLU A 151 -17.53 -9.17 10.63
N ILE A 152 -17.53 -8.54 9.47
CA ILE A 152 -18.14 -9.12 8.29
C ILE A 152 -17.36 -10.38 7.88
N ALA A 153 -16.04 -10.28 7.89
CA ALA A 153 -15.21 -11.42 7.51
C ALA A 153 -15.44 -12.60 8.44
N GLN A 154 -15.57 -12.32 9.73
CA GLN A 154 -15.80 -13.38 10.71
C GLN A 154 -17.14 -14.07 10.46
N GLU A 155 -18.18 -13.28 10.26
CA GLU A 155 -19.51 -13.82 10.03
C GLU A 155 -19.63 -14.65 8.75
N HIS A 156 -18.96 -14.22 7.70
CA HIS A 156 -19.02 -14.92 6.41
C HIS A 156 -17.83 -15.83 6.12
N ASN A 157 -17.04 -16.12 7.13
CA ASN A 157 -15.87 -16.99 6.98
C ASN A 157 -14.97 -16.58 5.81
N LEU A 158 -14.56 -15.32 5.80
CA LEU A 158 -13.70 -14.82 4.73
C LEU A 158 -12.34 -14.40 5.27
N PHE A 159 -11.32 -14.49 4.43
CA PHE A 159 -9.97 -14.08 4.82
C PHE A 159 -9.89 -12.58 4.59
N VAL A 160 -8.95 -11.92 5.26
CA VAL A 160 -8.76 -10.49 5.08
C VAL A 160 -7.29 -10.23 4.79
N ILE A 161 -7.02 -9.58 3.67
CA ILE A 161 -5.65 -9.23 3.31
C ILE A 161 -5.60 -7.72 3.25
N GLU A 162 -4.79 -7.11 4.12
CA GLU A 162 -4.67 -5.66 4.14
C GLU A 162 -3.66 -5.18 3.12
N ASP A 163 -4.09 -4.29 2.23
CA ASP A 163 -3.19 -3.72 1.24
C ASP A 163 -2.67 -2.45 1.90
N CYS A 164 -1.45 -2.52 2.44
CA CYS A 164 -0.86 -1.41 3.17
C CYS A 164 0.22 -0.62 2.42
N ALA A 165 0.24 -0.72 1.10
CA ALA A 165 1.25 -0.03 0.31
C ALA A 165 1.31 1.48 0.55
N GLN A 166 0.22 2.04 1.02
CA GLN A 166 0.16 3.48 1.27
C GLN A 166 -0.06 3.82 2.73
N SER A 167 0.27 2.89 3.63
CA SER A 167 0.02 3.15 5.04
C SER A 167 1.02 2.52 6.02
N HIS A 168 2.28 2.41 5.62
CA HIS A 168 3.30 1.82 6.50
C HIS A 168 3.32 2.53 7.87
N GLY A 169 2.98 1.82 8.93
CA GLY A 169 3.01 2.44 10.25
C GLY A 169 1.70 2.98 10.81
N SER A 170 0.64 2.95 10.02
CA SER A 170 -0.65 3.44 10.51
C SER A 170 -1.11 2.55 11.66
N VAL A 171 -1.84 3.14 12.61
CA VAL A 171 -2.30 2.37 13.77
C VAL A 171 -3.80 2.46 14.01
N TRP A 172 -4.45 1.31 14.07
CA TRP A 172 -5.88 1.20 14.29
C TRP A 172 -6.08 0.41 15.59
N ASN A 173 -6.65 1.05 16.60
CA ASN A 173 -6.87 0.40 17.90
C ASN A 173 -5.59 -0.28 18.39
N ASN A 174 -4.49 0.47 18.34
CA ASN A 174 -3.19 0.00 18.80
C ASN A 174 -2.59 -1.20 18.07
N GLN A 175 -3.00 -1.40 16.82
CA GLN A 175 -2.44 -2.47 16.00
C GLN A 175 -1.99 -1.79 14.73
N ARG A 176 -0.75 -2.08 14.31
CA ARG A 176 -0.22 -1.47 13.09
C ARG A 176 -0.91 -2.06 11.86
N ALA A 177 -1.11 -1.22 10.86
CA ALA A 177 -1.74 -1.66 9.61
C ALA A 177 -0.96 -2.86 9.07
N GLY A 178 -1.68 -3.92 8.73
CA GLY A 178 -1.04 -5.12 8.19
C GLY A 178 -1.04 -6.28 9.17
N THR A 179 -1.15 -5.95 10.46
CA THR A 179 -1.15 -6.95 11.51
C THR A 179 -2.58 -7.34 11.90
N ILE A 180 -3.54 -6.57 11.40
CA ILE A 180 -4.94 -6.78 11.72
C ILE A 180 -5.62 -7.90 10.92
N GLY A 181 -5.33 -7.96 9.63
CA GLY A 181 -5.90 -9.00 8.80
C GLY A 181 -5.10 -10.28 8.89
N ASP A 182 -5.48 -11.28 8.10
CA ASP A 182 -4.78 -12.56 8.09
C ASP A 182 -3.35 -12.39 7.56
N ILE A 183 -3.21 -11.57 6.52
CA ILE A 183 -1.91 -11.29 5.93
C ILE A 183 -1.88 -9.83 5.50
N GLY A 184 -0.74 -9.17 5.70
CA GLY A 184 -0.61 -7.78 5.30
C GLY A 184 0.40 -7.68 4.17
N ALA A 185 0.12 -6.85 3.18
CA ALA A 185 1.02 -6.66 2.03
C ALA A 185 1.42 -5.20 1.92
N PHE A 186 2.71 -4.97 1.65
CA PHE A 186 3.24 -3.60 1.50
C PHE A 186 4.08 -3.45 0.24
N SER A 187 4.10 -2.24 -0.30
CA SER A 187 4.92 -1.90 -1.46
C SER A 187 6.03 -1.00 -0.95
N CYS A 188 7.20 -1.11 -1.57
CA CYS A 188 8.34 -0.28 -1.21
C CYS A 188 8.84 0.38 -2.50
N GLN A 189 7.93 0.60 -3.43
CA GLN A 189 8.26 1.25 -4.70
C GLN A 189 8.68 2.69 -4.35
N GLN A 190 9.47 3.30 -5.22
CA GLN A 190 10.00 4.65 -4.99
C GLN A 190 9.13 5.67 -4.29
N GLY A 191 7.90 5.82 -4.74
CA GLY A 191 7.02 6.82 -4.14
C GLY A 191 6.52 6.58 -2.73
N LYS A 192 6.62 5.36 -2.23
CA LYS A 192 6.13 5.03 -0.89
C LYS A 192 6.98 5.60 0.23
N VAL A 193 6.41 5.65 1.44
CA VAL A 193 7.15 6.19 2.58
C VAL A 193 8.35 5.36 3.00
N LEU A 194 8.32 4.06 2.70
CA LEU A 194 9.44 3.16 2.99
C LEU A 194 9.79 2.57 1.63
N THR A 195 10.94 2.96 1.09
CA THR A 195 11.31 2.52 -0.26
C THR A 195 12.77 2.17 -0.49
N ALA A 196 12.99 1.33 -1.51
CA ALA A 196 14.32 0.93 -1.96
C ALA A 196 14.27 0.94 -3.49
N GLY A 197 13.37 1.77 -4.03
CA GLY A 197 13.21 1.84 -5.47
C GLY A 197 12.12 0.86 -5.86
N GLU A 198 12.38 -0.41 -5.55
CA GLU A 198 11.42 -1.48 -5.79
C GLU A 198 11.50 -2.35 -4.53
N GLY A 199 10.42 -3.04 -4.19
CA GLY A 199 10.46 -3.88 -3.02
C GLY A 199 9.07 -4.15 -2.50
N GLY A 200 8.94 -5.19 -1.68
CA GLY A 200 7.65 -5.53 -1.12
C GLY A 200 7.83 -6.20 0.23
N ILE A 201 6.75 -6.27 1.00
CA ILE A 201 6.80 -6.89 2.31
C ILE A 201 5.51 -7.62 2.59
N ILE A 202 5.63 -8.80 3.21
CA ILE A 202 4.45 -9.58 3.56
C ILE A 202 4.57 -9.80 5.07
N VAL A 203 3.48 -9.65 5.81
CA VAL A 203 3.49 -9.90 7.26
C VAL A 203 2.28 -10.74 7.65
N THR A 204 2.42 -11.55 8.69
CA THR A 204 1.31 -12.39 9.16
C THR A 204 1.55 -12.78 10.62
N LYS A 205 0.48 -13.14 11.30
CA LYS A 205 0.56 -13.55 12.70
C LYS A 205 0.57 -15.08 12.78
N ASN A 206 0.21 -15.72 11.67
CA ASN A 206 0.11 -17.18 11.61
C ASN A 206 1.42 -17.89 11.21
N PRO A 207 1.90 -18.81 12.06
CA PRO A 207 3.13 -19.58 11.81
C PRO A 207 3.10 -20.43 10.54
N ARG A 208 1.94 -21.02 10.26
CA ARG A 208 1.79 -21.87 9.07
C ARG A 208 1.89 -21.01 7.81
N LEU A 209 1.21 -19.87 7.81
CA LEU A 209 1.25 -18.97 6.66
C LEU A 209 2.68 -18.45 6.46
N PHE A 210 3.38 -18.21 7.56
CA PHE A 210 4.77 -17.74 7.48
C PHE A 210 5.59 -18.74 6.67
N GLU A 211 5.43 -20.03 6.98
CA GLU A 211 6.16 -21.06 6.25
C GLU A 211 5.78 -21.10 4.78
N LEU A 212 4.48 -21.00 4.51
CA LEU A 212 4.00 -21.05 3.13
C LEU A 212 4.50 -19.86 2.33
N ILE A 213 4.44 -18.67 2.94
CA ILE A 213 4.89 -17.47 2.26
C ILE A 213 6.38 -17.59 1.90
N GLN A 214 7.19 -18.11 2.81
CA GLN A 214 8.61 -18.29 2.52
C GLN A 214 8.78 -19.12 1.26
N GLN A 215 8.11 -20.27 1.23
CA GLN A 215 8.21 -21.17 0.09
C GLN A 215 7.71 -20.55 -1.20
N LEU A 216 6.61 -19.79 -1.12
CA LEU A 216 6.05 -19.17 -2.29
C LEU A 216 6.99 -18.18 -2.97
N ARG A 217 7.89 -17.57 -2.19
CA ARG A 217 8.82 -16.59 -2.77
C ARG A 217 10.24 -17.10 -2.96
N ALA A 218 10.52 -18.32 -2.51
CA ALA A 218 11.87 -18.88 -2.64
C ALA A 218 11.92 -20.26 -3.31
N ASP A 219 11.11 -20.45 -4.34
CA ASP A 219 11.09 -21.71 -5.06
C ASP A 219 10.87 -22.93 -4.16
N SER A 220 9.88 -22.83 -3.28
CA SER A 220 9.52 -23.93 -2.37
C SER A 220 10.50 -24.21 -1.25
N ARG A 221 11.31 -23.21 -0.89
CA ARG A 221 12.30 -23.37 0.17
C ARG A 221 11.98 -22.53 1.40
N VAL A 222 12.61 -22.87 2.53
CA VAL A 222 12.44 -22.14 3.79
C VAL A 222 13.82 -21.92 4.40
N TYR A 223 13.89 -21.15 5.48
CA TYR A 223 15.16 -20.91 6.14
C TYR A 223 15.58 -22.20 6.85
N CYS A 224 16.89 -22.39 6.99
CA CYS A 224 17.41 -23.58 7.67
C CYS A 224 16.98 -23.50 9.14
N ASP A 225 17.06 -24.63 9.84
CA ASP A 225 16.67 -24.71 11.24
C ASP A 225 17.34 -23.70 12.17
N ASP A 226 18.67 -23.62 12.09
CA ASP A 226 19.41 -22.71 12.95
C ASP A 226 20.57 -22.05 12.20
N SER A 227 20.45 -20.74 11.96
CA SER A 227 21.48 -19.99 11.24
C SER A 227 22.81 -19.94 11.98
N SER A 228 22.79 -20.17 13.29
CA SER A 228 24.01 -20.14 14.10
C SER A 228 24.89 -21.37 13.85
N GLU A 229 24.30 -22.41 13.24
CA GLU A 229 25.03 -23.63 12.95
C GLU A 229 25.64 -23.57 11.55
N LEU A 230 25.31 -22.52 10.81
CA LEU A 230 25.82 -22.36 9.45
C LEU A 230 27.28 -21.98 9.39
N MET A 231 28.00 -22.60 8.45
CA MET A 231 29.41 -22.33 8.24
C MET A 231 29.49 -21.50 6.96
N HIS A 232 30.59 -20.78 6.79
CA HIS A 232 30.76 -19.98 5.58
C HIS A 232 30.67 -20.95 4.40
N GLY A 233 29.84 -20.63 3.41
CA GLY A 233 29.68 -21.50 2.27
C GLY A 233 28.39 -22.30 2.26
N ASP A 234 27.78 -22.47 3.44
CA ASP A 234 26.52 -23.23 3.55
C ASP A 234 25.33 -22.43 3.06
N MET A 235 24.34 -23.11 2.51
CA MET A 235 23.12 -22.46 2.05
C MET A 235 22.18 -22.21 3.23
N GLN A 236 21.56 -21.04 3.26
CA GLN A 236 20.64 -20.71 4.34
C GLN A 236 19.22 -21.14 3.97
N LEU A 237 18.94 -21.23 2.67
CA LEU A 237 17.63 -21.68 2.21
C LEU A 237 17.71 -23.19 2.00
N VAL A 238 16.73 -23.92 2.52
CA VAL A 238 16.69 -25.37 2.37
C VAL A 238 15.35 -25.82 1.82
N LYS A 239 15.32 -27.00 1.21
CA LYS A 239 14.09 -27.52 0.63
C LYS A 239 12.99 -27.76 1.66
N LYS A 240 11.74 -27.58 1.23
CA LYS A 240 10.59 -27.82 2.08
C LYS A 240 9.58 -28.56 1.21
N GLY A 241 9.12 -27.91 0.15
CA GLY A 241 8.19 -28.54 -0.76
C GLY A 241 6.76 -28.76 -0.30
N ASP A 242 6.29 -27.99 0.67
CA ASP A 242 4.91 -28.13 1.15
C ASP A 242 4.00 -27.36 0.22
N ILE A 243 4.54 -26.35 -0.45
CA ILE A 243 3.79 -25.56 -1.41
C ILE A 243 4.75 -25.09 -2.50
N GLN A 244 4.26 -25.09 -3.73
CA GLN A 244 5.06 -24.67 -4.88
C GLN A 244 5.29 -23.16 -4.93
N GLY A 245 6.55 -22.76 -4.99
CA GLY A 245 6.86 -21.35 -5.06
C GLY A 245 7.69 -21.02 -6.28
N SER A 246 7.94 -19.73 -6.47
CA SER A 246 8.76 -19.24 -7.57
C SER A 246 9.77 -18.30 -6.91
N ASN A 247 10.63 -17.67 -7.70
CA ASN A 247 11.61 -16.76 -7.14
C ASN A 247 11.09 -15.33 -7.04
N TYR A 248 10.82 -14.88 -5.82
CA TYR A 248 10.36 -13.52 -5.58
C TYR A 248 11.15 -13.01 -4.37
N CYS A 249 12.46 -13.28 -4.42
CA CYS A 249 13.38 -12.88 -3.37
C CYS A 249 13.87 -11.45 -3.59
N LEU A 250 13.93 -10.67 -2.52
CA LEU A 250 14.41 -9.30 -2.59
C LEU A 250 15.94 -9.33 -2.56
N SER A 251 16.59 -8.52 -3.40
CA SER A 251 18.06 -8.49 -3.41
C SER A 251 18.58 -7.92 -2.09
N GLU A 252 19.79 -8.30 -1.71
CA GLU A 252 20.38 -7.81 -0.46
C GLU A 252 20.61 -6.31 -0.48
N PHE A 253 20.84 -5.75 -1.66
CA PHE A 253 21.04 -4.33 -1.78
C PHE A 253 19.77 -3.60 -1.37
N GLN A 254 18.63 -4.11 -1.81
CA GLN A 254 17.36 -3.49 -1.48
C GLN A 254 17.01 -3.67 0.00
N SER A 255 17.25 -4.86 0.55
CA SER A 255 16.97 -5.09 1.96
C SER A 255 17.81 -4.16 2.81
N ALA A 256 19.03 -3.89 2.36
CA ALA A 256 19.95 -3.01 3.08
C ALA A 256 19.39 -1.59 3.12
N ILE A 257 18.91 -1.10 1.98
CA ILE A 257 18.35 0.24 1.92
C ILE A 257 17.10 0.31 2.78
N LEU A 258 16.27 -0.73 2.73
CA LEU A 258 15.06 -0.73 3.55
C LEU A 258 15.41 -0.68 5.04
N LEU A 259 16.47 -1.37 5.43
CA LEU A 259 16.89 -1.39 6.83
C LEU A 259 17.26 0.02 7.24
N ASP A 260 17.95 0.73 6.36
CA ASP A 260 18.35 2.11 6.61
C ASP A 260 17.14 3.02 6.72
N GLN A 261 16.27 2.97 5.71
CA GLN A 261 15.08 3.81 5.67
C GLN A 261 14.12 3.56 6.82
N LEU A 262 14.07 2.32 7.31
CA LEU A 262 13.17 1.98 8.40
C LEU A 262 13.50 2.68 9.71
N GLN A 263 14.78 2.91 9.95
CA GLN A 263 15.23 3.53 11.18
C GLN A 263 14.67 4.92 11.44
N GLU A 264 14.23 5.60 10.38
CA GLU A 264 13.67 6.93 10.56
C GLU A 264 12.23 7.04 10.07
N LEU A 265 11.63 5.89 9.77
CA LEU A 265 10.26 5.87 9.26
C LEU A 265 9.25 6.42 10.26
N ASP A 266 9.31 5.94 11.50
CA ASP A 266 8.36 6.40 12.51
C ASP A 266 8.48 7.91 12.72
N ASP A 267 9.71 8.41 12.83
CA ASP A 267 9.92 9.84 13.05
C ASP A 267 9.42 10.67 11.88
N LYS A 268 9.72 10.25 10.65
CA LYS A 268 9.25 11.00 9.49
C LYS A 268 7.74 10.93 9.36
N ASN A 269 7.15 9.78 9.71
CA ASN A 269 5.69 9.66 9.65
C ASN A 269 5.11 10.65 10.66
N ALA A 270 5.74 10.77 11.81
CA ALA A 270 5.27 11.71 12.84
C ALA A 270 5.25 13.14 12.30
N ILE A 271 6.29 13.51 11.55
CA ILE A 271 6.38 14.85 10.97
C ILE A 271 5.27 15.04 9.94
N ARG A 272 5.07 14.05 9.07
CA ARG A 272 4.04 14.12 8.04
C ARG A 272 2.65 14.30 8.67
N GLU A 273 2.38 13.56 9.73
CA GLU A 273 1.10 13.62 10.41
C GLU A 273 0.85 14.96 11.09
N LYS A 274 1.90 15.51 11.71
CA LYS A 274 1.80 16.80 12.37
C LYS A 274 1.38 17.85 11.35
N ASN A 275 2.03 17.81 10.19
CA ASN A 275 1.73 18.77 9.13
C ASN A 275 0.37 18.51 8.49
N ALA A 276 -0.02 17.24 8.37
CA ALA A 276 -1.30 16.90 7.79
C ALA A 276 -2.42 17.45 8.67
N MET A 277 -2.25 17.33 9.99
CA MET A 277 -3.27 17.82 10.91
C MET A 277 -3.36 19.34 10.80
N PHE A 278 -2.20 19.99 10.66
CA PHE A 278 -2.12 21.44 10.50
C PHE A 278 -2.96 21.85 9.29
N LEU A 279 -2.79 21.12 8.18
CA LEU A 279 -3.55 21.40 6.97
C LEU A 279 -5.04 21.14 7.17
N ASN A 280 -5.38 20.08 7.89
CA ASN A 280 -6.77 19.73 8.13
C ASN A 280 -7.51 20.86 8.84
N ASP A 281 -6.88 21.43 9.86
CA ASP A 281 -7.52 22.50 10.60
C ASP A 281 -7.60 23.80 9.81
N ALA A 282 -6.61 24.05 8.96
CA ALA A 282 -6.59 25.28 8.16
C ALA A 282 -7.53 25.20 6.96
N LEU A 283 -7.41 24.12 6.19
CA LEU A 283 -8.24 23.94 5.00
C LEU A 283 -9.72 23.75 5.29
N SER A 284 -10.04 23.16 6.44
CA SER A 284 -11.43 22.92 6.78
C SER A 284 -12.22 24.20 7.06
N LYS A 285 -11.52 25.30 7.29
CA LYS A 285 -12.18 26.57 7.56
C LYS A 285 -12.65 27.25 6.28
N ILE A 286 -12.17 26.75 5.14
CA ILE A 286 -12.54 27.31 3.85
C ILE A 286 -13.84 26.72 3.31
N ASP A 287 -14.81 27.60 3.01
CA ASP A 287 -16.09 27.15 2.50
C ASP A 287 -15.90 26.41 1.19
N GLY A 288 -16.44 25.20 1.09
CA GLY A 288 -16.29 24.42 -0.13
C GLY A 288 -15.21 23.37 -0.07
N ILE A 289 -14.38 23.42 0.98
CA ILE A 289 -13.31 22.44 1.14
C ILE A 289 -13.70 21.46 2.24
N LYS A 290 -13.51 20.18 1.97
CA LYS A 290 -13.84 19.16 2.95
C LYS A 290 -12.63 18.27 3.14
N VAL A 291 -12.19 18.11 4.37
CA VAL A 291 -11.04 17.26 4.65
C VAL A 291 -11.55 15.84 4.86
N MET A 292 -10.64 14.87 4.88
CA MET A 292 -11.05 13.49 5.09
C MET A 292 -11.40 13.27 6.56
N LYS A 293 -12.35 12.37 6.80
CA LYS A 293 -12.80 12.08 8.16
C LYS A 293 -11.93 11.00 8.80
N ARG A 294 -11.24 11.35 9.88
CA ARG A 294 -10.38 10.41 10.56
C ARG A 294 -11.11 9.61 11.63
N PRO A 295 -11.10 8.27 11.48
CA PRO A 295 -11.76 7.37 12.42
C PRO A 295 -11.16 7.51 13.82
N PRO A 296 -12.02 7.45 14.85
CA PRO A 296 -11.53 7.58 16.23
C PRO A 296 -10.52 6.49 16.58
N GLN A 297 -10.64 5.34 15.93
CA GLN A 297 -9.75 4.21 16.18
C GLN A 297 -8.32 4.43 15.71
N VAL A 298 -8.12 5.41 14.84
CA VAL A 298 -6.77 5.69 14.33
C VAL A 298 -6.01 6.64 15.25
N SER A 299 -4.93 6.14 15.86
CA SER A 299 -4.11 6.94 16.77
C SER A 299 -2.86 7.49 16.06
N ARG A 300 -2.44 6.80 15.01
CA ARG A 300 -1.29 7.22 14.21
C ARG A 300 -1.69 6.98 12.75
N GLN A 301 -1.66 8.03 11.94
CA GLN A 301 -1.99 7.87 10.53
C GLN A 301 -0.78 8.19 9.66
N THR A 302 -0.39 7.24 8.81
CA THR A 302 0.71 7.46 7.90
C THR A 302 0.10 8.10 6.67
N TYR A 303 0.62 9.25 6.27
CA TYR A 303 0.11 9.94 5.10
C TYR A 303 0.97 9.78 3.86
N TYR A 304 0.70 8.74 3.09
CA TYR A 304 1.43 8.52 1.85
C TYR A 304 0.98 9.66 0.94
N GLY A 305 -0.29 10.05 1.11
CA GLY A 305 -0.85 11.14 0.35
C GLY A 305 -1.84 11.91 1.21
N TYR A 306 -1.76 13.24 1.18
CA TYR A 306 -2.69 14.08 1.94
C TYR A 306 -3.78 14.46 0.96
N VAL A 307 -5.02 14.09 1.30
CA VAL A 307 -6.15 14.37 0.42
C VAL A 307 -7.19 15.32 0.99
N PHE A 308 -7.67 16.25 0.16
CA PHE A 308 -8.76 17.12 0.58
C PHE A 308 -9.69 17.22 -0.63
N ARG A 309 -10.96 17.40 -0.35
CA ARG A 309 -11.96 17.48 -1.41
C ARG A 309 -12.51 18.89 -1.55
N PHE A 310 -13.05 19.20 -2.72
CA PHE A 310 -13.62 20.52 -2.95
C PHE A 310 -14.93 20.38 -3.68
N ASP A 311 -15.81 21.36 -3.46
CA ASP A 311 -17.13 21.38 -4.07
C ASP A 311 -17.05 22.23 -5.33
N PRO A 312 -17.12 21.59 -6.52
CA PRO A 312 -17.05 22.29 -7.81
C PRO A 312 -18.04 23.44 -7.91
N VAL A 313 -19.19 23.28 -7.26
CA VAL A 313 -20.21 24.30 -7.27
C VAL A 313 -19.72 25.59 -6.63
N LYS A 314 -18.84 25.46 -5.64
CA LYS A 314 -18.29 26.62 -4.95
C LYS A 314 -16.91 27.01 -5.47
N PHE A 315 -16.39 26.25 -6.43
CA PHE A 315 -15.09 26.55 -7.01
C PHE A 315 -15.12 26.73 -8.51
N GLY A 316 -16.08 27.53 -8.98
CA GLY A 316 -16.20 27.83 -10.39
C GLY A 316 -16.32 26.69 -11.38
N GLY A 317 -16.80 25.53 -10.92
CA GLY A 317 -16.95 24.39 -11.81
C GLY A 317 -15.64 23.74 -12.23
N LEU A 318 -14.55 24.10 -11.57
CA LEU A 318 -13.25 23.52 -11.89
C LEU A 318 -13.24 22.03 -11.61
N ASN A 319 -12.46 21.28 -12.38
CA ASN A 319 -12.31 19.85 -12.12
C ASN A 319 -11.00 19.78 -11.34
N ALA A 320 -10.66 18.63 -10.78
CA ALA A 320 -9.43 18.49 -10.00
C ALA A 320 -8.17 18.78 -10.82
N ASP A 321 -8.17 18.38 -12.09
CA ASP A 321 -7.02 18.60 -12.94
C ASP A 321 -6.67 20.09 -13.04
N GLN A 322 -7.69 20.91 -13.29
CA GLN A 322 -7.49 22.35 -13.40
C GLN A 322 -7.13 22.97 -12.06
N PHE A 323 -7.79 22.51 -11.01
CA PHE A 323 -7.54 22.99 -9.66
C PHE A 323 -6.06 22.76 -9.33
N CYS A 324 -5.58 21.54 -9.61
CA CYS A 324 -4.18 21.19 -9.35
C CYS A 324 -3.22 22.02 -10.19
N GLU A 325 -3.55 22.22 -11.46
CA GLU A 325 -2.70 23.00 -12.35
C GLU A 325 -2.49 24.39 -11.75
N ILE A 326 -3.58 25.00 -11.27
CA ILE A 326 -3.52 26.32 -10.67
C ILE A 326 -2.60 26.32 -9.46
N LEU A 327 -2.80 25.35 -8.56
CA LEU A 327 -1.96 25.25 -7.37
C LEU A 327 -0.49 25.00 -7.67
N ARG A 328 -0.21 24.13 -8.65
CA ARG A 328 1.19 23.83 -8.99
C ARG A 328 1.88 25.06 -9.55
N GLU A 329 1.13 25.88 -10.28
CA GLU A 329 1.70 27.09 -10.86
C GLU A 329 2.04 28.09 -9.75
N LYS A 330 1.11 28.24 -8.80
CA LYS A 330 1.29 29.16 -7.68
C LYS A 330 2.34 28.72 -6.67
N LEU A 331 2.47 27.41 -6.47
CA LEU A 331 3.42 26.88 -5.50
C LEU A 331 4.73 26.40 -6.13
N ASN A 332 4.72 26.23 -7.44
CA ASN A 332 5.87 25.74 -8.18
C ASN A 332 6.25 24.32 -7.77
N MET A 333 5.28 23.41 -7.71
CA MET A 333 5.62 22.02 -7.40
C MET A 333 5.21 21.11 -8.55
N GLY A 334 5.92 20.00 -8.69
CA GLY A 334 5.66 19.07 -9.77
C GLY A 334 4.38 18.27 -9.74
N THR A 335 4.00 17.76 -10.91
CA THR A 335 2.80 16.96 -11.05
C THR A 335 2.88 15.71 -10.19
N PHE A 336 4.09 15.21 -9.97
CA PHE A 336 4.24 14.02 -9.14
C PHE A 336 3.82 14.30 -7.70
N TYR A 337 4.00 15.54 -7.26
CA TYR A 337 3.69 15.92 -5.88
C TYR A 337 2.31 16.50 -5.57
N LEU A 338 1.57 16.90 -6.59
CA LEU A 338 0.25 17.49 -6.38
C LEU A 338 -0.57 17.13 -7.60
N HIS A 339 -1.59 16.29 -7.42
CA HIS A 339 -2.39 15.82 -8.54
C HIS A 339 -3.69 15.17 -8.05
N PRO A 340 -4.62 14.90 -8.97
CA PRO A 340 -5.90 14.27 -8.61
C PRO A 340 -5.68 12.78 -8.35
N PRO A 341 -6.62 12.12 -7.65
CA PRO A 341 -6.57 10.69 -7.33
C PRO A 341 -6.67 9.86 -8.60
N TYR A 342 -6.39 8.56 -8.48
CA TYR A 342 -6.48 7.64 -9.61
C TYR A 342 -7.90 7.57 -10.12
N LEU A 343 -8.07 7.08 -11.35
CA LEU A 343 -9.39 6.86 -11.88
C LEU A 343 -9.72 5.52 -11.22
N PRO A 344 -11.00 5.19 -11.07
CA PRO A 344 -11.37 3.92 -10.44
C PRO A 344 -10.74 2.80 -11.28
N VAL A 345 -10.43 1.67 -10.66
CA VAL A 345 -9.80 0.57 -11.38
C VAL A 345 -10.54 0.13 -12.63
N HIS A 346 -11.86 -0.04 -12.53
CA HIS A 346 -12.64 -0.49 -13.67
C HIS A 346 -12.61 0.48 -14.85
N LYS A 347 -12.28 1.74 -14.60
CA LYS A 347 -12.22 2.75 -15.67
C LYS A 347 -10.78 3.09 -16.08
N ASN A 348 -9.80 2.59 -15.33
CA ASN A 348 -8.40 2.88 -15.61
C ASN A 348 -7.91 2.16 -16.87
N PRO A 349 -7.38 2.91 -17.85
CA PRO A 349 -6.88 2.30 -19.09
C PRO A 349 -5.82 1.23 -18.85
N LEU A 350 -5.13 1.32 -17.71
CA LEU A 350 -4.07 0.35 -17.42
C LEU A 350 -4.68 -0.99 -17.01
N PHE A 351 -5.96 -0.98 -16.66
CA PHE A 351 -6.66 -2.20 -16.27
C PHE A 351 -7.37 -2.68 -17.54
N CYS A 352 -6.84 -3.75 -18.12
CA CYS A 352 -7.38 -4.32 -19.36
C CYS A 352 -7.14 -5.84 -19.40
N PRO A 353 -7.67 -6.57 -18.41
CA PRO A 353 -7.53 -8.03 -18.29
C PRO A 353 -7.88 -8.85 -19.53
N TRP A 354 -8.89 -8.41 -20.26
CA TRP A 354 -9.36 -9.12 -21.46
C TRP A 354 -8.33 -9.25 -22.58
N THR A 355 -7.25 -8.48 -22.49
CA THR A 355 -6.21 -8.48 -23.52
C THR A 355 -5.15 -9.56 -23.38
N LYS A 356 -5.20 -10.33 -22.29
CA LYS A 356 -4.18 -11.35 -22.05
C LYS A 356 -4.71 -12.78 -21.95
N ASN A 357 -4.18 -13.65 -22.81
CA ASN A 357 -4.58 -15.06 -22.84
C ASN A 357 -4.19 -15.83 -21.59
N ARG A 358 -3.19 -15.34 -20.88
CA ARG A 358 -2.73 -15.96 -19.65
C ARG A 358 -3.88 -16.00 -18.64
N TYR A 359 -4.73 -14.97 -18.65
CA TYR A 359 -5.86 -14.96 -17.73
C TYR A 359 -6.97 -15.87 -18.23
N LEU A 360 -7.65 -16.53 -17.31
CA LEU A 360 -8.74 -17.42 -17.70
C LEU A 360 -9.84 -16.59 -18.35
N LYS A 361 -10.42 -17.11 -19.42
CA LYS A 361 -11.49 -16.39 -20.11
C LYS A 361 -12.63 -16.07 -19.15
N SER A 362 -12.85 -16.96 -18.19
CA SER A 362 -13.93 -16.80 -17.21
C SER A 362 -13.73 -15.65 -16.24
N VAL A 363 -12.49 -15.20 -16.05
CA VAL A 363 -12.24 -14.11 -15.14
C VAL A 363 -11.82 -12.81 -15.82
N ARG A 364 -11.26 -12.90 -17.01
CA ARG A 364 -10.84 -11.68 -17.70
C ARG A 364 -12.06 -11.01 -18.35
N LYS A 365 -13.11 -11.80 -18.59
CA LYS A 365 -14.35 -11.32 -19.18
C LYS A 365 -14.13 -10.54 -20.48
N THR A 366 -14.76 -9.37 -20.58
CA THR A 366 -14.65 -8.52 -21.75
C THR A 366 -14.48 -7.06 -21.35
N GLU A 367 -14.10 -6.22 -22.30
CA GLU A 367 -13.93 -4.80 -22.04
C GLU A 367 -15.22 -4.18 -21.50
N ALA A 368 -16.34 -4.50 -22.13
CA ALA A 368 -17.63 -3.96 -21.71
C ALA A 368 -18.00 -4.37 -20.28
N TYR A 369 -17.66 -5.59 -19.89
CA TYR A 369 -17.97 -6.08 -18.56
C TYR A 369 -17.38 -5.19 -17.46
N TRP A 370 -16.09 -4.87 -17.58
CA TRP A 370 -15.43 -4.04 -16.58
C TRP A 370 -15.71 -2.55 -16.71
N ARG A 371 -15.55 -2.01 -17.92
CA ARG A 371 -15.77 -0.59 -18.14
C ARG A 371 -17.21 -0.18 -17.86
N GLY A 372 -18.13 -1.14 -17.97
CA GLY A 372 -19.54 -0.85 -17.76
C GLY A 372 -19.96 -0.82 -16.29
N LEU A 373 -19.04 -1.16 -15.40
CA LEU A 373 -19.34 -1.13 -13.98
C LEU A 373 -19.56 0.30 -13.51
N HIS A 374 -20.30 0.45 -12.41
CA HIS A 374 -20.61 1.76 -11.88
C HIS A 374 -20.39 1.87 -10.36
N TYR A 375 -19.49 2.74 -9.96
CA TYR A 375 -19.19 2.96 -8.55
C TYR A 375 -19.02 4.47 -8.38
N PRO A 376 -20.15 5.18 -8.20
CA PRO A 376 -20.30 6.64 -8.04
C PRO A 376 -19.28 7.38 -7.19
N VAL A 377 -19.09 6.94 -5.95
CA VAL A 377 -18.17 7.62 -5.06
C VAL A 377 -16.74 7.57 -5.60
N SER A 378 -16.28 6.38 -5.96
CA SER A 378 -14.93 6.20 -6.50
C SER A 378 -14.73 7.03 -7.76
N GLU A 379 -15.76 7.07 -8.60
CA GLU A 379 -15.67 7.81 -9.84
C GLU A 379 -15.58 9.32 -9.62
N ARG A 380 -16.30 9.82 -8.63
CA ARG A 380 -16.30 11.25 -8.30
C ARG A 380 -14.95 11.72 -7.74
N ALA A 381 -14.25 10.80 -7.09
CA ALA A 381 -12.96 11.12 -6.46
C ALA A 381 -11.91 11.84 -7.32
N SER A 382 -11.56 11.28 -8.48
CA SER A 382 -10.54 11.90 -9.32
C SER A 382 -10.97 13.24 -9.91
N GLY A 383 -12.25 13.56 -9.80
CA GLY A 383 -12.74 14.81 -10.34
C GLY A 383 -12.82 15.96 -9.36
N GLN A 384 -12.84 15.68 -8.06
CA GLN A 384 -12.95 16.74 -7.08
C GLN A 384 -12.17 16.53 -5.80
N SER A 385 -10.98 15.93 -5.93
CA SER A 385 -10.10 15.67 -4.80
C SER A 385 -8.68 16.04 -5.22
N ILE A 386 -7.90 16.53 -4.26
CA ILE A 386 -6.52 16.91 -4.53
C ILE A 386 -5.64 16.03 -3.64
N VAL A 387 -4.58 15.48 -4.21
CA VAL A 387 -3.65 14.64 -3.47
C VAL A 387 -2.28 15.31 -3.40
N ILE A 388 -1.76 15.46 -2.18
CA ILE A 388 -0.45 16.05 -1.97
C ILE A 388 0.47 14.91 -1.54
N HIS A 389 1.55 14.67 -2.29
CA HIS A 389 2.49 13.59 -1.95
C HIS A 389 3.11 13.84 -0.58
N HIS A 390 3.38 12.78 0.15
CA HIS A 390 3.94 12.90 1.50
C HIS A 390 5.24 13.69 1.66
N ALA A 391 6.05 13.76 0.62
CA ALA A 391 7.31 14.51 0.72
C ALA A 391 7.02 15.96 1.06
N ILE A 392 5.92 16.49 0.50
CA ILE A 392 5.55 17.87 0.76
C ILE A 392 5.23 18.05 2.25
N LEU A 393 4.73 16.99 2.88
CA LEU A 393 4.38 17.03 4.29
C LEU A 393 5.61 17.05 5.20
N LEU A 394 6.80 17.05 4.60
CA LEU A 394 8.03 17.10 5.39
C LEU A 394 8.57 18.54 5.39
N ALA A 395 7.87 19.42 4.70
CA ALA A 395 8.27 20.83 4.62
C ALA A 395 7.98 21.58 5.91
N GLU A 396 8.58 22.76 6.05
CA GLU A 396 8.35 23.58 7.23
C GLU A 396 6.92 24.10 7.17
N PRO A 397 6.27 24.28 8.34
CA PRO A 397 4.90 24.79 8.41
C PRO A 397 4.71 26.07 7.59
N SER A 398 5.67 26.98 7.69
CA SER A 398 5.62 28.24 6.97
C SER A 398 5.43 28.00 5.48
N HIS A 399 6.06 26.94 4.97
CA HIS A 399 5.94 26.60 3.56
C HIS A 399 4.58 26.02 3.24
N LEU A 400 4.08 25.14 4.09
CA LEU A 400 2.77 24.53 3.88
C LEU A 400 1.69 25.60 3.90
N SER A 401 1.95 26.67 4.66
CA SER A 401 0.98 27.76 4.74
C SER A 401 0.74 28.35 3.37
N LEU A 402 1.74 28.27 2.50
CA LEU A 402 1.62 28.78 1.14
C LEU A 402 0.52 28.01 0.40
N LEU A 403 0.46 26.70 0.65
CA LEU A 403 -0.56 25.87 0.00
C LEU A 403 -1.92 26.32 0.49
N VAL A 404 -2.03 26.54 1.80
CA VAL A 404 -3.28 26.99 2.39
C VAL A 404 -3.70 28.33 1.79
N ASP A 405 -2.75 29.26 1.70
CA ASP A 405 -3.02 30.58 1.13
C ASP A 405 -3.51 30.46 -0.31
N ALA A 406 -2.89 29.55 -1.05
CA ALA A 406 -3.25 29.34 -2.46
C ALA A 406 -4.69 28.86 -2.60
N VAL A 407 -5.08 27.89 -1.78
CA VAL A 407 -6.44 27.39 -1.83
C VAL A 407 -7.41 28.50 -1.39
N ALA A 408 -6.99 29.28 -0.41
CA ALA A 408 -7.80 30.38 0.10
C ALA A 408 -7.98 31.47 -0.96
N GLU A 409 -6.92 31.76 -1.71
CA GLU A 409 -6.99 32.77 -2.75
C GLU A 409 -8.00 32.32 -3.80
N LEU A 410 -7.79 31.10 -4.30
CA LEU A 410 -8.66 30.54 -5.31
C LEU A 410 -10.12 30.58 -4.87
N ALA A 411 -10.36 30.30 -3.59
CA ALA A 411 -11.72 30.32 -3.06
C ALA A 411 -12.31 31.73 -3.11
N ARG A 412 -11.51 32.71 -2.75
CA ARG A 412 -11.96 34.10 -2.75
C ARG A 412 -12.30 34.55 -4.17
N LYS A 413 -11.70 33.88 -5.15
CA LYS A 413 -11.92 34.20 -6.55
C LYS A 413 -13.31 33.79 -7.05
N PHE A 414 -13.96 32.89 -6.33
CA PHE A 414 -15.28 32.42 -6.71
C PHE A 414 -16.36 32.83 -5.72
N CYS A 415 -15.95 33.40 -4.59
CA CYS A 415 -16.91 33.82 -3.59
C CYS A 415 -17.62 35.11 -3.96
N VAL A 416 -18.56 35.50 -3.23
#